data_1B9N
#
_entry.id   1B9N
#
_cell.length_a   81.110
_cell.length_b   127.360
_cell.length_c   62.950
_cell.angle_alpha   90.00
_cell.angle_beta   90.00
_cell.angle_gamma   90.00
#
_symmetry.space_group_name_H-M   'P 21 21 2'
#
loop_
_entity.id
_entity.type
_entity.pdbx_description
1 polymer 'PROTEIN (MODE)'
2 non-polymer 'NICKEL (II) ION'
3 water water
#
_entity_poly.entity_id   1
_entity_poly.type   'polypeptide(L)'
_entity_poly.pdbx_seq_one_letter_code
;GSHMQAEILLTLKLQQKLFADPRRISLLKHIALSGSISQGAKDAGISYKSAWDAINEMNQLSEHILVERATGGKGGGGAV
LTRYGQRLIQLYDLLAQIQQKAFDVLSDDDALPLNSLLAAISRFSLQTSARNQWFGTITARDHDDVQQHVDVLLADGKTR
LKVAITAQSGARLGLDEGKEVLILLKAPWVGITQDEAVAQNADNQLPGIISHIERGAEQCEVLMALPDGQTLCATVPVNE
ATSLQQGQNVTAYFNADSVIIATLC
;
_entity_poly.pdbx_strand_id   A,B
#
loop_
_chem_comp.id
_chem_comp.type
_chem_comp.name
_chem_comp.formula
NI non-polymer 'NICKEL (II) ION' 'Ni 2'
#
# COMPACT_ATOMS: atom_id res chain seq x y z
N SER A 2 -8.08 -14.19 -15.02
CA SER A 2 -7.39 -13.56 -16.19
C SER A 2 -5.98 -14.13 -16.42
N HIS A 3 -5.89 -15.03 -17.39
CA HIS A 3 -4.83 -15.97 -17.63
C HIS A 3 -3.36 -15.72 -17.50
N MET A 4 -2.63 -16.83 -17.39
CA MET A 4 -1.26 -17.20 -17.43
C MET A 4 -0.37 -16.71 -16.28
N GLN A 5 -0.14 -17.59 -15.32
CA GLN A 5 0.69 -17.31 -14.16
C GLN A 5 2.19 -17.50 -14.48
N ALA A 6 2.95 -16.45 -14.18
CA ALA A 6 4.41 -16.53 -14.39
C ALA A 6 5.08 -17.47 -13.37
N GLU A 7 6.11 -18.21 -13.77
CA GLU A 7 6.97 -18.86 -12.78
C GLU A 7 8.16 -17.96 -12.40
N ILE A 8 8.20 -17.66 -11.10
CA ILE A 8 9.13 -16.69 -10.54
C ILE A 8 10.41 -17.31 -10.04
N LEU A 9 11.58 -16.93 -10.55
CA LEU A 9 12.87 -17.42 -10.15
C LEU A 9 13.70 -16.25 -9.63
N LEU A 10 13.92 -16.28 -8.31
CA LEU A 10 14.75 -15.24 -7.73
C LEU A 10 16.11 -15.74 -7.26
N THR A 11 17.07 -14.88 -7.50
CA THR A 11 18.40 -15.14 -6.93
C THR A 11 18.76 -13.96 -6.02
N LEU A 12 19.05 -14.30 -4.76
CA LEU A 12 19.57 -13.27 -3.84
C LEU A 12 21.10 -13.30 -3.89
N LYS A 13 21.77 -12.15 -3.91
CA LYS A 13 23.25 -12.29 -3.93
C LYS A 13 23.74 -11.40 -2.74
N LEU A 14 24.75 -11.88 -2.02
CA LEU A 14 25.29 -11.04 -0.90
C LEU A 14 26.83 -10.95 -1.14
N GLN A 15 27.43 -9.77 -0.97
CA GLN A 15 28.87 -9.61 -1.14
C GLN A 15 29.34 -9.99 -2.52
N GLN A 16 28.56 -9.68 -3.56
CA GLN A 16 28.88 -10.11 -4.94
C GLN A 16 28.73 -11.57 -5.20
N LYS A 17 28.14 -12.33 -4.23
CA LYS A 17 28.16 -13.77 -4.44
C LYS A 17 26.71 -14.28 -4.41
N LEU A 18 26.59 -15.44 -5.00
CA LEU A 18 25.24 -16.05 -5.03
C LEU A 18 25.01 -16.63 -3.63
N PHE A 19 23.97 -16.14 -3.05
CA PHE A 19 23.48 -16.52 -1.71
C PHE A 19 22.35 -17.53 -1.74
N ALA A 20 21.19 -17.09 -2.26
CA ALA A 20 20.07 -18.06 -2.33
C ALA A 20 19.43 -17.96 -3.72
N ASP A 21 19.20 -19.06 -4.39
CA ASP A 21 18.55 -19.20 -5.70
C ASP A 21 17.52 -20.32 -5.51
N PRO A 22 16.73 -20.68 -6.51
CA PRO A 22 15.68 -21.63 -6.37
C PRO A 22 16.14 -22.93 -5.71
N ARG A 23 17.23 -23.50 -6.23
CA ARG A 23 17.77 -24.77 -5.82
C ARG A 23 18.14 -24.67 -4.34
N ARG A 24 18.79 -23.65 -3.86
CA ARG A 24 19.14 -23.54 -2.45
C ARG A 24 17.90 -23.33 -1.57
N ILE A 25 16.94 -22.50 -1.99
CA ILE A 25 15.71 -22.41 -1.16
C ILE A 25 15.00 -23.74 -1.08
N SER A 26 14.88 -24.45 -2.20
CA SER A 26 14.30 -25.78 -2.30
C SER A 26 15.05 -26.79 -1.39
N LEU A 27 16.39 -26.71 -1.36
CA LEU A 27 17.14 -27.54 -0.37
C LEU A 27 16.69 -27.24 1.07
N LEU A 28 16.69 -25.99 1.49
CA LEU A 28 16.28 -25.64 2.83
C LEU A 28 14.82 -26.05 3.08
N LYS A 29 13.88 -26.01 2.13
CA LYS A 29 12.50 -26.44 2.48
C LYS A 29 12.48 -27.94 2.69
N HIS A 30 13.23 -28.68 1.81
CA HIS A 30 13.21 -30.14 1.96
C HIS A 30 13.92 -30.60 3.24
N ILE A 31 14.89 -29.80 3.66
CA ILE A 31 15.47 -30.06 4.99
C ILE A 31 14.39 -29.90 6.05
N ALA A 32 13.72 -28.74 6.03
CA ALA A 32 12.59 -28.55 6.96
C ALA A 32 11.58 -29.67 6.83
N LEU A 33 11.18 -30.11 5.63
CA LEU A 33 10.15 -31.14 5.53
C LEU A 33 10.59 -32.52 5.99
N SER A 34 11.85 -32.86 5.78
CA SER A 34 12.38 -34.21 6.00
C SER A 34 13.03 -34.45 7.35
N GLY A 35 13.41 -33.38 8.05
CA GLY A 35 14.15 -33.56 9.27
C GLY A 35 15.62 -33.89 9.12
N SER A 36 16.22 -33.90 7.94
CA SER A 36 17.65 -34.27 7.84
C SER A 36 18.32 -33.62 6.61
N ILE A 37 19.63 -33.38 6.70
CA ILE A 37 20.35 -32.84 5.55
C ILE A 37 20.33 -33.85 4.42
N SER A 38 20.76 -35.08 4.74
CA SER A 38 20.80 -36.10 3.70
C SER A 38 19.46 -36.49 3.14
N GLN A 39 18.38 -36.66 3.93
CA GLN A 39 17.14 -36.96 3.14
C GLN A 39 16.70 -35.72 2.35
N GLY A 40 16.85 -34.52 2.92
CA GLY A 40 16.48 -33.26 2.27
C GLY A 40 17.25 -32.98 0.97
N ALA A 41 18.54 -33.31 0.92
CA ALA A 41 19.33 -33.11 -0.31
C ALA A 41 18.80 -34.07 -1.36
N LYS A 42 18.50 -35.30 -0.93
CA LYS A 42 17.99 -36.29 -1.89
C LYS A 42 16.60 -35.90 -2.40
N ASP A 43 15.73 -35.45 -1.47
CA ASP A 43 14.41 -34.96 -1.93
C ASP A 43 14.60 -33.75 -2.86
N ALA A 44 15.53 -32.83 -2.56
CA ALA A 44 15.72 -31.66 -3.42
C ALA A 44 16.48 -32.05 -4.71
N GLY A 45 17.00 -33.25 -4.86
CA GLY A 45 17.62 -33.68 -6.12
C GLY A 45 19.06 -33.24 -6.22
N ILE A 46 19.74 -33.12 -5.09
CA ILE A 46 21.09 -32.60 -5.10
C ILE A 46 21.93 -33.53 -4.23
N SER A 47 23.23 -33.58 -4.53
CA SER A 47 24.05 -34.52 -3.73
C SER A 47 24.23 -33.92 -2.36
N TYR A 48 24.67 -34.78 -1.45
CA TYR A 48 24.98 -34.52 -0.09
C TYR A 48 26.06 -33.51 0.14
N LYS A 49 27.15 -33.71 -0.64
CA LYS A 49 28.23 -32.78 -0.63
C LYS A 49 27.80 -31.44 -1.18
N SER A 50 27.04 -31.33 -2.30
CA SER A 50 26.71 -29.95 -2.71
C SER A 50 25.72 -29.32 -1.72
N ALA A 51 24.97 -30.23 -1.06
CA ALA A 51 24.06 -29.67 -0.04
C ALA A 51 24.85 -28.96 1.04
N TRP A 52 25.90 -29.62 1.63
CA TRP A 52 26.66 -28.96 2.70
C TRP A 52 27.49 -27.84 2.15
N ASP A 53 27.97 -28.01 0.87
CA ASP A 53 28.68 -26.83 0.30
C ASP A 53 27.68 -25.67 0.27
N ALA A 54 26.41 -25.90 -0.14
CA ALA A 54 25.51 -24.72 -0.18
C ALA A 54 25.30 -24.10 1.19
N ILE A 55 24.96 -24.90 2.21
CA ILE A 55 24.67 -24.41 3.56
C ILE A 55 25.90 -23.74 4.16
N ASN A 56 27.10 -24.39 4.00
CA ASN A 56 28.29 -23.65 4.54
C ASN A 56 28.46 -22.29 3.93
N GLU A 57 28.21 -22.18 2.61
CA GLU A 57 28.31 -20.88 1.98
C GLU A 57 27.28 -19.89 2.41
N MET A 58 26.06 -20.43 2.58
CA MET A 58 24.99 -19.45 2.92
C MET A 58 25.25 -18.93 4.32
N ASN A 59 25.70 -19.87 5.18
CA ASN A 59 26.01 -19.38 6.57
C ASN A 59 27.06 -18.29 6.54
N GLN A 60 28.10 -18.58 5.77
CA GLN A 60 29.28 -17.65 5.79
C GLN A 60 28.93 -16.31 5.22
N LEU A 61 28.18 -16.26 4.09
CA LEU A 61 27.73 -14.99 3.59
C LEU A 61 26.78 -14.20 4.46
N SER A 62 25.80 -14.93 5.04
CA SER A 62 24.77 -14.20 5.78
C SER A 62 25.28 -13.84 7.16
N GLU A 63 26.35 -14.49 7.65
CA GLU A 63 26.76 -14.30 9.04
C GLU A 63 25.72 -14.86 10.01
N HIS A 64 24.95 -15.88 9.65
CA HIS A 64 24.02 -16.56 10.56
C HIS A 64 24.22 -18.06 10.41
N ILE A 65 23.53 -18.91 11.18
CA ILE A 65 23.51 -20.33 10.89
C ILE A 65 22.11 -20.61 10.31
N LEU A 66 21.99 -21.34 9.23
CA LEU A 66 20.63 -21.52 8.68
C LEU A 66 20.02 -22.82 9.17
N VAL A 67 20.89 -23.79 9.43
CA VAL A 67 20.44 -25.17 9.68
C VAL A 67 21.27 -25.66 10.89
N GLU A 68 20.64 -26.37 11.81
CA GLU A 68 21.39 -26.84 12.98
C GLU A 68 20.83 -28.19 13.39
N ARG A 69 21.68 -28.92 14.09
CA ARG A 69 21.24 -30.26 14.57
C ARG A 69 20.08 -30.15 15.57
N ALA A 70 19.04 -30.93 15.46
CA ALA A 70 17.88 -30.95 16.33
C ALA A 70 18.20 -31.50 17.72
N THR A 71 17.87 -30.70 18.72
CA THR A 71 18.16 -30.93 20.13
C THR A 71 17.06 -31.69 20.87
N GLY A 78 19.30 -35.45 13.30
CA GLY A 78 18.13 -34.63 12.92
C GLY A 78 18.50 -33.17 12.63
N ALA A 79 18.08 -32.60 11.53
CA ALA A 79 18.40 -31.15 11.36
C ALA A 79 17.11 -30.33 11.30
N VAL A 80 17.07 -29.12 11.81
CA VAL A 80 15.98 -28.18 11.72
C VAL A 80 16.52 -26.85 11.17
N LEU A 81 15.64 -26.05 10.58
CA LEU A 81 15.92 -24.68 10.17
C LEU A 81 16.05 -23.81 11.45
N THR A 82 16.93 -22.82 11.49
CA THR A 82 16.91 -21.95 12.69
C THR A 82 15.83 -20.91 12.40
N ARG A 83 15.64 -19.96 13.31
CA ARG A 83 14.83 -18.79 13.08
C ARG A 83 15.27 -18.14 11.77
N TYR A 84 16.57 -17.91 11.57
CA TYR A 84 17.03 -17.24 10.37
C TYR A 84 16.77 -18.09 9.10
N GLY A 85 16.97 -19.39 9.17
CA GLY A 85 16.70 -20.22 7.98
C GLY A 85 15.19 -19.98 7.64
N GLN A 86 14.32 -20.02 8.63
CA GLN A 86 12.88 -19.86 8.36
C GLN A 86 12.52 -18.49 7.79
N ARG A 87 13.22 -17.45 8.27
CA ARG A 87 12.99 -16.07 7.92
C ARG A 87 13.49 -15.90 6.46
N LEU A 88 14.59 -16.60 6.10
CA LEU A 88 15.06 -16.43 4.73
C LEU A 88 14.04 -17.06 3.75
N ILE A 89 13.57 -18.26 4.08
CA ILE A 89 12.56 -18.87 3.20
C ILE A 89 11.27 -18.06 3.10
N GLN A 90 10.82 -17.49 4.23
CA GLN A 90 9.63 -16.68 4.23
C GLN A 90 9.77 -15.45 3.39
N LEU A 91 10.88 -14.77 3.59
CA LEU A 91 11.12 -13.52 2.86
C LEU A 91 11.27 -13.78 1.35
N TYR A 92 12.01 -14.86 1.02
CA TYR A 92 12.08 -15.26 -0.40
C TYR A 92 10.74 -15.54 -1.01
N ASP A 93 9.91 -16.35 -0.34
CA ASP A 93 8.65 -16.75 -0.92
C ASP A 93 7.68 -15.53 -0.95
N LEU A 94 7.82 -14.55 -0.09
CA LEU A 94 6.83 -13.40 -0.08
C LEU A 94 7.25 -12.51 -1.23
N LEU A 95 8.61 -12.47 -1.34
CA LEU A 95 9.14 -11.65 -2.44
C LEU A 95 8.68 -12.23 -3.79
N ALA A 96 8.87 -13.53 -4.01
CA ALA A 96 8.40 -14.17 -5.23
C ALA A 96 6.90 -13.87 -5.36
N GLN A 97 6.07 -14.12 -4.31
CA GLN A 97 4.65 -13.78 -4.50
C GLN A 97 4.38 -12.33 -4.93
N ILE A 98 5.14 -11.34 -4.47
CA ILE A 98 4.94 -9.95 -4.94
C ILE A 98 5.24 -9.78 -6.43
N GLN A 99 6.33 -10.46 -6.91
CA GLN A 99 6.56 -10.45 -8.36
C GLN A 99 5.47 -11.18 -9.16
N GLN A 100 4.91 -12.28 -8.67
CA GLN A 100 3.82 -12.94 -9.36
C GLN A 100 2.61 -11.96 -9.45
N LYS A 101 2.24 -11.28 -8.33
CA LYS A 101 1.07 -10.39 -8.40
C LYS A 101 1.38 -9.19 -9.31
N ALA A 102 2.62 -8.69 -9.31
CA ALA A 102 2.98 -7.65 -10.24
C ALA A 102 2.83 -8.11 -11.69
N PHE A 103 3.18 -9.36 -11.98
CA PHE A 103 3.04 -9.96 -13.31
C PHE A 103 1.57 -9.98 -13.70
N ASP A 104 0.69 -10.46 -12.85
CA ASP A 104 -0.74 -10.38 -13.11
C ASP A 104 -1.20 -8.95 -13.40
N VAL A 105 -0.60 -7.94 -12.77
CA VAL A 105 -0.94 -6.55 -13.11
C VAL A 105 -0.51 -6.16 -14.49
N LEU A 106 0.70 -6.60 -14.84
CA LEU A 106 1.22 -6.36 -16.19
C LEU A 106 0.28 -7.00 -17.21
N SER A 107 -0.15 -8.22 -16.97
CA SER A 107 -0.97 -8.99 -17.87
C SER A 107 -2.37 -8.37 -17.97
N ASP A 108 -2.92 -7.90 -16.84
CA ASP A 108 -4.29 -7.39 -16.81
C ASP A 108 -4.39 -5.90 -17.18
N ASP A 109 -3.32 -5.17 -16.99
CA ASP A 109 -3.19 -3.76 -17.05
C ASP A 109 -3.94 -3.01 -15.97
N ASP A 110 -3.48 -1.80 -15.69
CA ASP A 110 -4.10 -0.81 -14.81
C ASP A 110 -3.30 0.45 -15.03
N ALA A 111 -3.69 1.62 -14.47
CA ALA A 111 -2.91 2.81 -14.88
C ALA A 111 -1.87 3.21 -13.86
N LEU A 112 -1.84 2.49 -12.74
CA LEU A 112 -0.75 2.85 -11.77
C LEU A 112 0.59 2.47 -12.37
N PRO A 113 1.65 3.23 -12.14
CA PRO A 113 3.01 2.77 -12.36
C PRO A 113 3.24 1.42 -11.61
N LEU A 114 3.91 0.51 -12.31
CA LEU A 114 4.23 -0.84 -11.80
C LEU A 114 5.56 -0.78 -11.13
N ASN A 115 6.40 0.28 -11.30
CA ASN A 115 7.60 0.39 -10.53
C ASN A 115 7.39 1.01 -9.14
N SER A 116 6.25 1.59 -8.85
CA SER A 116 6.07 2.28 -7.58
C SER A 116 5.81 1.30 -6.45
N LEU A 117 6.55 1.53 -5.36
CA LEU A 117 6.36 0.81 -4.13
C LEU A 117 5.00 1.17 -3.47
N LEU A 118 4.70 2.47 -3.45
CA LEU A 118 3.39 2.82 -2.81
C LEU A 118 2.30 2.10 -3.59
N ALA A 119 2.34 2.14 -4.92
CA ALA A 119 1.26 1.47 -5.70
C ALA A 119 1.18 -0.06 -5.43
N ALA A 120 2.30 -0.73 -5.15
CA ALA A 120 2.33 -2.15 -4.82
C ALA A 120 1.64 -2.37 -3.49
N ILE A 121 2.02 -1.48 -2.52
CA ILE A 121 1.34 -1.57 -1.21
C ILE A 121 -0.16 -1.38 -1.36
N SER A 122 -0.52 -0.33 -2.14
CA SER A 122 -1.96 -0.06 -2.32
C SER A 122 -2.68 -1.25 -2.99
N ARG A 123 -2.13 -1.84 -4.05
CA ARG A 123 -2.82 -2.95 -4.74
C ARG A 123 -2.79 -4.23 -3.86
N PHE A 124 -1.65 -4.56 -3.25
CA PHE A 124 -1.46 -5.93 -2.74
C PHE A 124 -1.59 -6.06 -1.25
N SER A 125 -1.49 -4.94 -0.49
CA SER A 125 -1.45 -5.08 0.99
C SER A 125 -2.46 -4.17 1.73
N LEU A 126 -2.42 -2.88 1.37
CA LEU A 126 -3.23 -1.96 2.19
C LEU A 126 -4.73 -2.04 1.92
N GLN A 127 -5.53 -2.27 2.99
CA GLN A 127 -6.98 -2.05 2.76
C GLN A 127 -7.56 -1.10 3.80
N THR A 128 -8.45 -0.15 3.42
CA THR A 128 -9.05 0.68 4.46
C THR A 128 -10.56 0.68 4.45
N SER A 129 -11.18 1.12 5.57
CA SER A 129 -12.66 1.22 5.64
C SER A 129 -13.23 2.29 4.76
N ALA A 130 -12.44 3.26 4.28
CA ALA A 130 -13.02 4.28 3.43
C ALA A 130 -13.52 3.83 2.08
N ARG A 131 -13.10 2.71 1.52
CA ARG A 131 -13.52 2.27 0.20
C ARG A 131 -12.88 3.06 -0.93
N ASN A 132 -12.40 4.28 -0.81
CA ASN A 132 -11.72 4.94 -1.89
C ASN A 132 -10.26 4.99 -1.39
N GLN A 133 -9.38 4.66 -2.31
CA GLN A 133 -7.95 4.56 -1.98
C GLN A 133 -7.18 4.82 -3.28
N TRP A 134 -7.26 6.03 -3.80
CA TRP A 134 -6.76 6.29 -5.15
C TRP A 134 -5.27 6.69 -5.14
N PHE A 135 -4.55 6.16 -6.13
CA PHE A 135 -3.14 6.52 -6.30
C PHE A 135 -3.10 7.91 -7.00
N GLY A 136 -2.08 8.70 -6.66
CA GLY A 136 -1.89 9.95 -7.41
C GLY A 136 -0.53 10.57 -7.00
N THR A 137 -0.18 11.68 -7.62
CA THR A 137 1.09 12.34 -7.32
C THR A 137 0.86 13.83 -6.98
N ILE A 138 1.55 14.37 -5.99
CA ILE A 138 1.53 15.82 -5.76
C ILE A 138 1.96 16.58 -7.01
N THR A 139 1.13 17.51 -7.47
CA THR A 139 1.49 18.33 -8.64
C THR A 139 1.54 19.82 -8.25
N ALA A 140 2.05 20.63 -9.18
CA ALA A 140 2.28 22.05 -8.79
C ALA A 140 1.00 22.70 -8.26
N ARG A 141 0.99 23.56 -7.24
CA ARG A 141 -0.33 24.18 -6.97
C ARG A 141 -0.84 24.79 -8.27
N ASP A 142 -2.12 24.94 -8.42
CA ASP A 142 -2.72 25.49 -9.63
C ASP A 142 -3.11 26.98 -9.51
N HIS A 143 -2.48 27.63 -8.57
CA HIS A 143 -2.62 29.07 -8.35
C HIS A 143 -1.31 29.60 -7.76
N ASP A 144 -0.89 30.81 -8.18
CA ASP A 144 0.29 31.48 -7.67
C ASP A 144 0.21 31.73 -6.15
N ASP A 145 -1.04 32.02 -5.74
CA ASP A 145 -1.28 32.27 -4.33
C ASP A 145 -1.10 30.94 -3.59
N VAL A 146 -0.60 31.01 -2.36
CA VAL A 146 -0.49 29.81 -1.53
C VAL A 146 -1.85 29.63 -0.84
N GLN A 147 -2.37 28.43 -0.82
CA GLN A 147 -3.59 28.11 -0.07
C GLN A 147 -3.32 26.86 0.75
N GLN A 148 -4.17 26.53 1.77
CA GLN A 148 -3.75 25.37 2.56
C GLN A 148 -4.35 24.08 1.99
N HIS A 149 -3.80 23.72 0.83
CA HIS A 149 -4.24 22.47 0.20
C HIS A 149 -3.13 22.11 -0.77
N VAL A 150 -3.03 20.83 -1.12
CA VAL A 150 -2.15 20.39 -2.18
C VAL A 150 -3.04 19.98 -3.34
N ASP A 151 -2.45 20.00 -4.50
CA ASP A 151 -3.12 19.48 -5.67
C ASP A 151 -2.52 18.08 -5.92
N VAL A 152 -3.38 17.20 -6.39
CA VAL A 152 -3.05 15.81 -6.72
C VAL A 152 -3.44 15.48 -8.14
N LEU A 153 -2.55 14.89 -8.95
CA LEU A 153 -2.94 14.30 -10.19
C LEU A 153 -3.21 12.79 -10.06
N LEU A 154 -4.27 12.28 -10.66
CA LEU A 154 -4.55 10.85 -10.74
C LEU A 154 -3.64 10.21 -11.76
N ALA A 155 -3.77 8.89 -12.01
CA ALA A 155 -2.73 8.22 -12.78
C ALA A 155 -2.76 8.47 -14.28
N ASP A 156 -3.71 9.27 -14.76
CA ASP A 156 -3.69 9.69 -16.14
C ASP A 156 -2.80 10.92 -16.25
N GLY A 157 -2.24 11.43 -15.16
CA GLY A 157 -1.45 12.65 -15.16
C GLY A 157 -2.31 13.81 -15.69
N LYS A 158 -3.64 13.71 -15.55
CA LYS A 158 -4.48 14.81 -16.05
C LYS A 158 -5.62 15.14 -15.10
N THR A 159 -6.24 14.20 -14.41
CA THR A 159 -7.42 14.55 -13.60
C THR A 159 -6.99 15.03 -12.21
N ARG A 160 -7.33 16.25 -11.81
CA ARG A 160 -6.80 16.97 -10.66
C ARG A 160 -7.70 17.02 -9.46
N LEU A 161 -7.16 16.90 -8.23
CA LEU A 161 -8.03 16.90 -7.06
C LEU A 161 -7.35 17.91 -6.11
N LYS A 162 -8.09 18.40 -5.13
CA LYS A 162 -7.48 19.27 -4.11
C LYS A 162 -7.72 18.57 -2.78
N VAL A 163 -6.77 18.59 -1.89
CA VAL A 163 -6.85 18.04 -0.58
C VAL A 163 -6.41 19.08 0.43
N ALA A 164 -7.17 19.33 1.48
CA ALA A 164 -6.71 20.24 2.53
C ALA A 164 -5.67 19.65 3.47
N ILE A 165 -4.65 20.46 3.72
CA ILE A 165 -3.58 20.13 4.69
C ILE A 165 -2.78 21.41 4.97
N THR A 166 -2.03 21.48 6.03
CA THR A 166 -1.28 22.72 6.32
C THR A 166 0.10 22.60 5.71
N ALA A 167 0.85 23.70 5.77
CA ALA A 167 2.18 23.69 5.17
C ALA A 167 3.05 22.76 6.01
N GLN A 168 2.84 22.79 7.31
CA GLN A 168 3.52 21.99 8.27
C GLN A 168 3.32 20.48 8.04
N SER A 169 2.07 20.03 7.92
CA SER A 169 1.92 18.56 7.81
C SER A 169 2.31 18.17 6.39
N GLY A 170 2.11 19.03 5.38
CA GLY A 170 2.61 18.87 4.07
C GLY A 170 4.13 18.70 3.97
N ALA A 171 4.83 19.48 4.80
CA ALA A 171 6.28 19.50 4.89
C ALA A 171 6.83 18.20 5.45
N ARG A 172 6.38 17.87 6.64
CA ARG A 172 6.66 16.59 7.29
C ARG A 172 6.37 15.35 6.44
N LEU A 173 5.29 15.38 5.65
CA LEU A 173 4.96 14.25 4.79
C LEU A 173 5.76 14.29 3.49
N GLY A 174 6.49 15.37 3.18
CA GLY A 174 7.37 15.44 2.03
C GLY A 174 6.53 15.71 0.80
N LEU A 175 5.43 16.43 0.95
CA LEU A 175 4.52 16.60 -0.20
C LEU A 175 5.02 17.59 -1.23
N ASP A 176 6.10 17.32 -1.96
CA ASP A 176 6.57 18.19 -3.03
C ASP A 176 6.17 17.64 -4.38
N GLU A 177 6.24 18.44 -5.44
CA GLU A 177 5.80 17.95 -6.72
C GLU A 177 6.31 16.51 -6.91
N GLY A 178 5.52 15.70 -7.59
CA GLY A 178 5.97 14.35 -7.86
C GLY A 178 5.90 13.40 -6.70
N LYS A 179 5.61 13.75 -5.44
CA LYS A 179 5.50 12.79 -4.38
C LYS A 179 4.21 11.94 -4.67
N GLU A 180 4.39 10.65 -4.50
CA GLU A 180 3.28 9.70 -4.63
C GLU A 180 2.44 9.59 -3.35
N VAL A 181 1.13 9.70 -3.47
CA VAL A 181 0.27 9.53 -2.31
C VAL A 181 -0.92 8.62 -2.70
N LEU A 182 -1.63 8.21 -1.67
CA LEU A 182 -2.95 7.64 -1.83
C LEU A 182 -3.97 8.67 -1.22
N ILE A 183 -5.09 8.76 -1.88
CA ILE A 183 -6.25 9.52 -1.41
C ILE A 183 -7.28 8.62 -0.75
N LEU A 184 -7.38 8.72 0.59
CA LEU A 184 -8.31 7.93 1.36
C LEU A 184 -9.55 8.79 1.64
N LEU A 185 -10.65 8.42 1.01
CA LEU A 185 -11.87 9.24 1.06
C LEU A 185 -13.07 8.35 1.37
N LYS A 186 -13.71 8.54 2.49
CA LYS A 186 -14.88 7.78 2.83
C LYS A 186 -15.95 7.93 1.74
N ALA A 187 -16.60 6.79 1.51
CA ALA A 187 -17.69 6.75 0.53
C ALA A 187 -18.93 7.56 0.82
N PRO A 188 -19.43 7.65 2.04
CA PRO A 188 -20.54 8.47 2.40
C PRO A 188 -20.17 9.96 2.26
N TRP A 189 -18.94 10.36 1.95
CA TRP A 189 -18.62 11.78 1.87
C TRP A 189 -18.45 12.21 0.42
N VAL A 190 -18.89 11.31 -0.45
CA VAL A 190 -18.81 11.53 -1.88
C VAL A 190 -20.27 11.63 -2.33
N GLY A 191 -20.54 12.76 -2.97
CA GLY A 191 -21.83 12.97 -3.59
C GLY A 191 -21.83 12.44 -4.99
N ILE A 192 -23.05 12.21 -5.55
CA ILE A 192 -23.14 11.73 -6.94
C ILE A 192 -24.29 12.57 -7.55
N THR A 193 -24.02 13.28 -8.65
CA THR A 193 -25.14 14.07 -9.12
C THR A 193 -25.23 14.06 -10.62
N GLN A 194 -26.47 14.25 -11.09
CA GLN A 194 -26.64 14.46 -12.54
C GLN A 194 -26.73 15.98 -12.76
N ASP A 195 -26.72 16.75 -11.69
CA ASP A 195 -26.82 18.20 -11.86
C ASP A 195 -25.46 18.83 -11.65
N GLU A 196 -24.80 19.27 -12.68
CA GLU A 196 -23.50 19.89 -12.72
C GLU A 196 -23.34 21.08 -11.76
N ALA A 197 -24.37 21.90 -11.65
CA ALA A 197 -24.33 23.07 -10.78
C ALA A 197 -24.23 22.62 -9.32
N VAL A 198 -24.87 21.49 -8.99
CA VAL A 198 -24.84 21.08 -7.59
C VAL A 198 -23.39 20.76 -7.21
N ALA A 199 -22.69 20.10 -8.13
CA ALA A 199 -21.34 19.61 -7.89
C ALA A 199 -20.36 20.76 -8.06
N GLN A 200 -20.71 21.68 -8.96
CA GLN A 200 -19.89 22.85 -9.28
C GLN A 200 -19.68 23.72 -8.05
N ASN A 201 -20.45 23.49 -6.99
CA ASN A 201 -20.24 24.19 -5.75
C ASN A 201 -19.32 23.46 -4.80
N ALA A 202 -18.72 22.32 -5.20
CA ALA A 202 -17.86 21.63 -4.23
C ALA A 202 -16.43 21.80 -4.62
N ASP A 203 -15.48 21.64 -3.73
CA ASP A 203 -14.08 21.75 -4.14
C ASP A 203 -13.74 20.81 -5.27
N ASN A 204 -14.36 19.61 -5.35
CA ASN A 204 -13.81 18.66 -6.36
C ASN A 204 -14.94 17.96 -7.11
N GLN A 205 -14.82 17.92 -8.42
CA GLN A 205 -15.82 17.29 -9.26
C GLN A 205 -15.13 16.29 -10.14
N LEU A 206 -15.66 15.08 -10.28
CA LEU A 206 -15.01 14.05 -11.09
C LEU A 206 -16.11 13.40 -11.92
N PRO A 207 -16.25 13.84 -13.17
CA PRO A 207 -17.23 13.32 -14.09
C PRO A 207 -17.02 11.82 -14.35
N GLY A 208 -18.10 11.15 -14.72
CA GLY A 208 -18.01 9.71 -14.96
C GLY A 208 -19.34 9.10 -15.37
N ILE A 209 -19.33 7.77 -15.36
CA ILE A 209 -20.45 6.93 -15.78
C ILE A 209 -20.62 5.88 -14.68
N ILE A 210 -21.83 5.67 -14.24
CA ILE A 210 -22.09 4.69 -13.19
C ILE A 210 -21.67 3.34 -13.76
N SER A 211 -20.71 2.68 -13.13
CA SER A 211 -20.33 1.37 -13.61
C SER A 211 -21.09 0.30 -12.81
N HIS A 212 -21.74 0.70 -11.71
CA HIS A 212 -22.45 -0.27 -10.88
C HIS A 212 -23.21 0.45 -9.79
N ILE A 213 -24.42 -0.02 -9.48
CA ILE A 213 -25.29 0.53 -8.46
C ILE A 213 -25.86 -0.65 -7.65
N GLU A 214 -25.94 -0.45 -6.37
CA GLU A 214 -26.54 -1.43 -5.47
C GLU A 214 -27.46 -0.65 -4.54
N ARG A 215 -28.73 -0.98 -4.41
CA ARG A 215 -29.62 -0.28 -3.50
C ARG A 215 -30.04 -1.13 -2.31
N GLY A 216 -30.17 -0.48 -1.19
CA GLY A 216 -30.37 -0.97 0.15
C GLY A 216 -31.43 -0.08 0.80
N ALA A 217 -31.79 -0.31 2.06
CA ALA A 217 -32.95 0.38 2.60
C ALA A 217 -32.69 1.84 2.89
N GLU A 218 -31.50 2.12 3.36
CA GLU A 218 -31.06 3.47 3.72
C GLU A 218 -30.09 4.03 2.71
N GLN A 219 -29.09 3.25 2.30
CA GLN A 219 -28.08 3.68 1.36
C GLN A 219 -27.97 2.99 0.01
N CYS A 220 -27.69 3.78 -1.02
CA CYS A 220 -27.34 3.26 -2.34
C CYS A 220 -25.84 3.44 -2.58
N GLU A 221 -25.18 2.35 -2.95
CA GLU A 221 -23.79 2.33 -3.27
C GLU A 221 -23.65 2.54 -4.77
N VAL A 222 -22.80 3.50 -5.17
CA VAL A 222 -22.61 3.74 -6.60
C VAL A 222 -21.13 3.55 -6.90
N LEU A 223 -20.77 2.99 -8.05
CA LEU A 223 -19.38 2.78 -8.42
C LEU A 223 -19.13 3.43 -9.77
N MET A 224 -18.08 4.26 -9.92
CA MET A 224 -17.83 4.80 -11.23
C MET A 224 -16.34 4.78 -11.60
N ALA A 225 -16.07 4.63 -12.90
CA ALA A 225 -14.66 4.59 -13.30
C ALA A 225 -14.18 6.04 -13.36
N LEU A 226 -13.12 6.38 -12.69
CA LEU A 226 -12.47 7.67 -12.81
C LEU A 226 -11.76 7.64 -14.16
N PRO A 227 -11.45 8.80 -14.73
CA PRO A 227 -10.84 8.87 -16.03
C PRO A 227 -9.50 8.15 -16.16
N ASP A 228 -8.94 7.62 -15.09
CA ASP A 228 -7.63 6.92 -15.16
C ASP A 228 -7.83 5.44 -14.94
N GLY A 229 -9.07 4.94 -14.91
CA GLY A 229 -9.40 3.56 -14.61
C GLY A 229 -9.65 3.17 -13.21
N GLN A 230 -9.11 3.96 -12.28
CA GLN A 230 -9.32 3.67 -10.86
C GLN A 230 -10.83 3.79 -10.63
N THR A 231 -11.29 3.23 -9.55
CA THR A 231 -12.69 3.14 -9.22
C THR A 231 -13.04 4.06 -8.04
N LEU A 232 -14.03 4.89 -8.25
CA LEU A 232 -14.63 5.73 -7.21
C LEU A 232 -15.83 5.00 -6.64
N CYS A 233 -15.99 4.97 -5.32
CA CYS A 233 -17.15 4.40 -4.66
C CYS A 233 -17.88 5.46 -3.83
N ALA A 234 -19.17 5.59 -3.93
CA ALA A 234 -19.90 6.59 -3.17
C ALA A 234 -21.10 5.93 -2.51
N THR A 235 -21.39 6.41 -1.31
CA THR A 235 -22.62 5.90 -0.69
C THR A 235 -23.57 7.04 -0.51
N VAL A 236 -24.71 7.02 -1.17
CA VAL A 236 -25.75 8.04 -1.14
C VAL A 236 -27.09 7.52 -0.60
N PRO A 237 -27.78 8.37 0.14
CA PRO A 237 -29.12 8.05 0.65
C PRO A 237 -30.01 7.54 -0.47
N VAL A 238 -30.71 6.41 -0.23
CA VAL A 238 -31.61 5.88 -1.25
C VAL A 238 -32.68 6.90 -1.60
N ASN A 239 -33.11 7.74 -0.64
CA ASN A 239 -34.00 8.83 -1.04
C ASN A 239 -33.34 9.52 -2.24
N GLU A 240 -32.15 10.07 -2.02
CA GLU A 240 -31.41 10.76 -3.04
C GLU A 240 -30.86 9.95 -4.19
N ALA A 241 -31.06 8.65 -4.32
CA ALA A 241 -30.51 7.92 -5.46
C ALA A 241 -31.52 7.31 -6.39
N THR A 242 -32.81 7.44 -6.16
CA THR A 242 -33.92 6.90 -6.92
C THR A 242 -33.85 7.08 -8.42
N SER A 243 -33.30 8.19 -8.88
CA SER A 243 -33.19 8.39 -10.32
C SER A 243 -31.91 7.87 -10.94
N LEU A 244 -30.97 7.27 -10.20
CA LEU A 244 -29.72 6.80 -10.80
C LEU A 244 -29.73 5.39 -11.40
N GLN A 245 -28.85 5.15 -12.36
CA GLN A 245 -28.76 3.90 -13.09
C GLN A 245 -27.41 3.76 -13.80
N GLN A 246 -26.97 2.53 -14.04
CA GLN A 246 -25.74 2.26 -14.76
C GLN A 246 -25.75 2.89 -16.15
N GLY A 247 -24.59 3.45 -16.51
CA GLY A 247 -24.40 4.12 -17.78
C GLY A 247 -24.78 5.59 -17.67
N GLN A 248 -25.55 5.95 -16.65
CA GLN A 248 -25.88 7.37 -16.47
C GLN A 248 -24.54 8.11 -16.38
N ASN A 249 -24.44 9.17 -17.17
CA ASN A 249 -23.29 10.07 -17.05
C ASN A 249 -23.43 10.83 -15.73
N VAL A 250 -22.39 10.87 -14.91
CA VAL A 250 -22.56 11.49 -13.56
C VAL A 250 -21.39 12.32 -13.11
N THR A 251 -21.61 13.27 -12.18
CA THR A 251 -20.45 13.92 -11.54
C THR A 251 -20.31 13.55 -10.09
N ALA A 252 -19.13 13.11 -9.59
CA ALA A 252 -18.92 12.80 -8.19
C ALA A 252 -18.32 13.99 -7.49
N TYR A 253 -18.70 14.34 -6.24
CA TYR A 253 -18.08 15.57 -5.76
C TYR A 253 -17.84 15.46 -4.29
N PHE A 254 -16.86 16.21 -3.77
CA PHE A 254 -16.51 16.05 -2.38
C PHE A 254 -15.72 17.25 -1.89
N ASN A 255 -15.60 17.42 -0.58
CA ASN A 255 -14.79 18.53 -0.11
C ASN A 255 -13.31 18.16 -0.01
N ALA A 256 -12.44 19.15 -0.11
CA ALA A 256 -10.99 19.02 -0.03
C ALA A 256 -10.59 18.56 1.34
N ASP A 257 -11.40 18.88 2.37
CA ASP A 257 -11.05 18.49 3.73
C ASP A 257 -11.66 17.18 4.19
N SER A 258 -12.29 16.51 3.23
CA SER A 258 -12.84 15.18 3.51
C SER A 258 -11.70 14.14 3.32
N VAL A 259 -10.65 14.50 2.63
CA VAL A 259 -9.61 13.48 2.31
C VAL A 259 -8.55 13.25 3.33
N ILE A 260 -8.06 12.00 3.46
CA ILE A 260 -6.80 11.84 4.18
C ILE A 260 -5.75 11.34 3.15
N ILE A 261 -4.57 11.96 3.18
CA ILE A 261 -3.50 11.54 2.28
C ILE A 261 -2.57 10.54 2.94
N ALA A 262 -2.26 9.42 2.27
CA ALA A 262 -1.28 8.50 2.84
C ALA A 262 -0.01 8.52 1.98
N THR A 263 1.21 8.34 2.53
CA THR A 263 2.36 8.47 1.59
C THR A 263 3.50 7.83 2.37
N LEU A 264 4.58 7.42 1.69
CA LEU A 264 5.67 6.79 2.42
C LEU A 264 6.71 7.88 2.87
N CYS A 265 7.30 7.78 4.03
CA CYS A 265 8.27 8.74 4.48
C CYS A 265 9.56 8.08 5.09
N MET B 4 26.64 -4.29 3.75
CA MET B 4 26.84 -5.55 3.00
C MET B 4 26.20 -5.41 1.61
N GLN B 5 26.96 -5.47 0.52
CA GLN B 5 26.34 -5.38 -0.79
C GLN B 5 25.43 -6.61 -0.99
N ALA B 6 24.24 -6.34 -1.45
CA ALA B 6 23.15 -7.28 -1.63
C ALA B 6 22.25 -6.87 -2.83
N GLU B 7 22.00 -7.88 -3.67
CA GLU B 7 21.04 -7.63 -4.74
C GLU B 7 20.22 -8.86 -5.08
N ILE B 8 19.17 -8.57 -5.81
CA ILE B 8 18.22 -9.58 -6.26
C ILE B 8 18.18 -9.56 -7.79
N LEU B 9 18.23 -10.78 -8.36
CA LEU B 9 18.03 -11.01 -9.80
C LEU B 9 16.77 -11.83 -10.01
N LEU B 10 15.99 -11.40 -10.96
CA LEU B 10 14.74 -12.04 -11.29
C LEU B 10 14.76 -12.70 -12.68
N THR B 11 14.23 -13.92 -12.74
CA THR B 11 13.89 -14.51 -14.04
C THR B 11 12.43 -14.93 -14.04
N LEU B 12 11.71 -14.68 -15.09
CA LEU B 12 10.34 -15.03 -15.27
C LEU B 12 10.26 -16.11 -16.35
N LYS B 13 9.44 -17.10 -16.09
CA LYS B 13 9.28 -18.15 -17.12
C LYS B 13 7.80 -18.28 -17.39
N LEU B 14 7.45 -18.59 -18.62
CA LEU B 14 6.03 -18.77 -18.95
C LEU B 14 5.92 -20.05 -19.81
N GLN B 15 4.91 -20.87 -19.50
CA GLN B 15 4.79 -22.11 -20.28
C GLN B 15 6.03 -22.95 -20.18
N GLN B 16 6.65 -22.94 -19.00
CA GLN B 16 7.92 -23.61 -18.80
C GLN B 16 9.02 -23.07 -19.66
N LYS B 17 8.96 -21.91 -20.33
CA LYS B 17 10.18 -21.48 -21.05
C LYS B 17 10.67 -20.16 -20.44
N LEU B 18 11.82 -19.68 -20.81
CA LEU B 18 12.38 -18.42 -20.52
C LEU B 18 11.67 -17.22 -21.20
N PHE B 19 11.13 -16.40 -20.31
CA PHE B 19 10.44 -15.18 -20.75
C PHE B 19 11.28 -13.98 -20.54
N ALA B 20 11.68 -13.70 -19.28
CA ALA B 20 12.51 -12.56 -18.99
C ALA B 20 13.66 -12.95 -18.04
N ASP B 21 14.72 -12.18 -18.07
CA ASP B 21 15.92 -12.45 -17.24
C ASP B 21 16.68 -11.14 -17.37
N PRO B 22 17.59 -10.79 -16.48
CA PRO B 22 18.23 -9.52 -16.53
C PRO B 22 18.81 -9.11 -17.90
N ARG B 23 19.36 -10.09 -18.60
CA ARG B 23 19.99 -9.81 -19.89
C ARG B 23 18.91 -9.39 -20.89
N ARG B 24 17.71 -9.98 -20.86
CA ARG B 24 16.69 -9.50 -21.78
C ARG B 24 16.17 -8.11 -21.39
N ILE B 25 16.02 -7.84 -20.10
CA ILE B 25 15.54 -6.52 -19.64
C ILE B 25 16.59 -5.48 -20.03
N SER B 26 17.87 -5.82 -19.85
CA SER B 26 18.91 -4.88 -20.31
C SER B 26 18.83 -4.71 -21.83
N LEU B 27 18.53 -5.75 -22.62
CA LEU B 27 18.29 -5.55 -24.05
C LEU B 27 17.15 -4.55 -24.33
N LEU B 28 16.06 -4.70 -23.57
CA LEU B 28 14.93 -3.77 -23.78
C LEU B 28 15.30 -2.33 -23.48
N LYS B 29 16.01 -2.09 -22.39
CA LYS B 29 16.38 -0.78 -21.95
C LYS B 29 17.38 -0.16 -22.94
N HIS B 30 18.28 -0.95 -23.48
CA HIS B 30 19.25 -0.41 -24.45
C HIS B 30 18.51 -0.11 -25.75
N ILE B 31 17.44 -0.83 -26.03
CA ILE B 31 16.59 -0.54 -27.18
C ILE B 31 15.86 0.79 -27.02
N ALA B 32 15.23 1.00 -25.87
CA ALA B 32 14.63 2.28 -25.56
C ALA B 32 15.67 3.39 -25.72
N LEU B 33 16.85 3.20 -25.16
CA LEU B 33 17.85 4.24 -25.21
C LEU B 33 18.32 4.58 -26.62
N SER B 34 18.72 3.58 -27.39
CA SER B 34 19.40 3.68 -28.65
C SER B 34 18.48 4.04 -29.80
N GLY B 35 17.22 3.66 -29.67
CA GLY B 35 16.20 3.77 -30.70
C GLY B 35 16.38 2.73 -31.79
N SER B 36 17.12 1.64 -31.47
CA SER B 36 17.23 0.56 -32.45
C SER B 36 17.58 -0.81 -31.82
N ILE B 37 17.18 -1.86 -32.47
CA ILE B 37 17.42 -3.25 -32.10
C ILE B 37 18.87 -3.70 -32.26
N SER B 38 19.47 -3.25 -33.36
CA SER B 38 20.88 -3.58 -33.66
C SER B 38 21.82 -2.81 -32.76
N GLN B 39 21.55 -1.50 -32.59
CA GLN B 39 22.41 -0.80 -31.64
C GLN B 39 22.12 -1.35 -30.25
N GLY B 40 20.82 -1.59 -29.99
CA GLY B 40 20.43 -2.11 -28.67
C GLY B 40 21.17 -3.40 -28.25
N ALA B 41 21.21 -4.34 -29.20
CA ALA B 41 21.85 -5.66 -28.97
C ALA B 41 23.32 -5.43 -28.68
N LYS B 42 23.94 -4.55 -29.48
CA LYS B 42 25.38 -4.22 -29.31
C LYS B 42 25.64 -3.65 -27.93
N ASP B 43 24.93 -2.56 -27.60
CA ASP B 43 25.01 -2.04 -26.21
C ASP B 43 24.74 -3.14 -25.19
N ALA B 44 23.79 -4.08 -25.39
CA ALA B 44 23.44 -5.00 -24.31
C ALA B 44 24.39 -6.20 -24.28
N GLY B 45 25.25 -6.27 -25.24
CA GLY B 45 26.30 -7.25 -25.33
C GLY B 45 25.81 -8.51 -26.03
N ILE B 46 24.74 -8.52 -26.85
CA ILE B 46 24.39 -9.82 -27.46
C ILE B 46 24.42 -9.75 -28.98
N SER B 47 24.39 -10.87 -29.72
CA SER B 47 24.30 -10.75 -31.14
C SER B 47 22.98 -10.13 -31.63
N TYR B 48 22.98 -9.52 -32.82
CA TYR B 48 21.73 -9.05 -33.45
C TYR B 48 20.70 -10.18 -33.56
N LYS B 49 21.05 -11.36 -34.11
CA LYS B 49 20.10 -12.45 -34.25
C LYS B 49 19.51 -12.91 -32.92
N SER B 50 20.35 -12.87 -31.90
CA SER B 50 19.98 -13.28 -30.54
C SER B 50 19.04 -12.23 -29.90
N ALA B 51 19.33 -10.97 -30.16
CA ALA B 51 18.34 -9.91 -29.79
C ALA B 51 17.02 -10.19 -30.52
N TRP B 52 16.97 -10.60 -31.81
CA TRP B 52 15.70 -10.85 -32.46
C TRP B 52 15.05 -12.06 -31.80
N ASP B 53 15.83 -13.15 -31.59
CA ASP B 53 15.25 -14.36 -31.00
C ASP B 53 14.60 -14.04 -29.65
N ALA B 54 15.30 -13.26 -28.84
CA ALA B 54 14.69 -12.89 -27.54
C ALA B 54 13.40 -12.12 -27.72
N ILE B 55 13.44 -11.05 -28.53
CA ILE B 55 12.19 -10.23 -28.71
C ILE B 55 11.04 -11.08 -29.25
N ASN B 56 11.27 -11.92 -30.25
CA ASN B 56 10.26 -12.82 -30.80
C ASN B 56 9.75 -13.84 -29.80
N GLU B 57 10.61 -14.37 -28.94
CA GLU B 57 10.15 -15.33 -27.92
C GLU B 57 9.30 -14.62 -26.88
N MET B 58 9.72 -13.43 -26.45
CA MET B 58 8.97 -12.64 -25.48
C MET B 58 7.55 -12.32 -25.97
N ASN B 59 7.47 -11.88 -27.23
CA ASN B 59 6.22 -11.57 -27.88
C ASN B 59 5.28 -12.79 -27.90
N GLN B 60 5.83 -13.89 -28.38
CA GLN B 60 5.06 -15.12 -28.43
C GLN B 60 4.62 -15.60 -27.04
N LEU B 61 5.52 -15.77 -26.07
CA LEU B 61 5.12 -16.38 -24.80
C LEU B 61 4.19 -15.43 -24.06
N SER B 62 4.40 -14.12 -24.16
CA SER B 62 3.45 -13.23 -23.46
C SER B 62 2.14 -12.90 -24.18
N GLU B 63 2.14 -13.07 -25.49
CA GLU B 63 1.06 -12.76 -26.37
C GLU B 63 0.86 -11.27 -26.50
N HIS B 64 1.84 -10.47 -26.18
CA HIS B 64 1.84 -9.05 -26.44
C HIS B 64 2.97 -8.77 -27.44
N ILE B 65 3.13 -7.52 -27.79
CA ILE B 65 4.20 -7.05 -28.64
C ILE B 65 5.05 -6.18 -27.71
N LEU B 66 6.36 -6.37 -27.67
CA LEU B 66 7.13 -5.59 -26.69
C LEU B 66 7.86 -4.42 -27.32
N VAL B 67 8.20 -4.61 -28.60
CA VAL B 67 9.00 -3.64 -29.35
C VAL B 67 8.22 -3.30 -30.64
N GLU B 68 8.10 -2.01 -30.94
CA GLU B 68 7.32 -1.54 -32.09
C GLU B 68 8.30 -0.91 -33.13
N ALA B 79 13.30 2.31 -33.23
CA ALA B 79 12.48 1.32 -32.55
C ALA B 79 12.04 1.91 -31.22
N VAL B 80 10.84 1.60 -30.75
CA VAL B 80 10.48 2.02 -29.37
C VAL B 80 9.92 0.81 -28.62
N LEU B 81 9.86 0.88 -27.30
CA LEU B 81 9.11 -0.17 -26.56
C LEU B 81 7.61 0.06 -26.51
N THR B 82 6.74 -0.93 -26.53
CA THR B 82 5.31 -0.62 -26.35
C THR B 82 5.10 -0.31 -24.85
N ARG B 83 3.84 -0.20 -24.45
CA ARG B 83 3.51 0.13 -23.07
C ARG B 83 3.82 -1.15 -22.27
N TYR B 84 3.37 -2.26 -22.82
CA TYR B 84 3.60 -3.55 -22.25
C TYR B 84 5.09 -3.76 -21.97
N GLY B 85 5.96 -3.40 -22.87
CA GLY B 85 7.39 -3.43 -22.76
C GLY B 85 7.89 -2.51 -21.67
N GLN B 86 7.39 -1.27 -21.62
CA GLN B 86 7.85 -0.38 -20.55
C GLN B 86 7.46 -0.95 -19.16
N ARG B 87 6.22 -1.40 -19.01
CA ARG B 87 5.75 -1.84 -17.71
C ARG B 87 6.44 -3.14 -17.27
N LEU B 88 6.97 -3.91 -18.21
CA LEU B 88 7.76 -5.07 -17.93
C LEU B 88 9.04 -4.62 -17.28
N ILE B 89 9.71 -3.62 -17.83
CA ILE B 89 10.81 -2.94 -17.15
C ILE B 89 10.40 -2.31 -15.82
N GLN B 90 9.21 -1.70 -15.73
CA GLN B 90 8.75 -1.21 -14.42
C GLN B 90 8.63 -2.32 -13.38
N LEU B 91 8.15 -3.48 -13.84
CA LEU B 91 8.10 -4.61 -12.87
C LEU B 91 9.48 -5.02 -12.41
N TYR B 92 10.53 -4.94 -13.21
CA TYR B 92 11.91 -5.20 -12.73
C TYR B 92 12.39 -4.09 -11.79
N ASP B 93 12.10 -2.82 -12.17
CA ASP B 93 12.47 -1.66 -11.40
C ASP B 93 11.86 -1.68 -9.98
N LEU B 94 10.67 -2.21 -9.82
CA LEU B 94 9.99 -2.38 -8.52
C LEU B 94 10.81 -3.25 -7.60
N LEU B 95 11.18 -4.45 -8.09
CA LEU B 95 12.10 -5.32 -7.38
C LEU B 95 13.36 -4.61 -6.95
N ALA B 96 14.02 -3.91 -7.83
CA ALA B 96 15.18 -3.11 -7.52
C ALA B 96 14.84 -1.95 -6.58
N GLN B 97 13.61 -1.51 -6.46
CA GLN B 97 13.30 -0.41 -5.55
C GLN B 97 13.22 -0.95 -4.10
N ILE B 98 12.77 -2.21 -4.01
CA ILE B 98 12.55 -2.73 -2.69
C ILE B 98 13.60 -3.66 -2.13
N GLN B 99 14.59 -4.00 -2.95
CA GLN B 99 15.49 -5.05 -2.45
C GLN B 99 16.16 -4.69 -1.13
N GLN B 100 16.57 -3.43 -0.95
CA GLN B 100 17.40 -3.08 0.21
C GLN B 100 16.48 -3.11 1.42
N LYS B 101 15.21 -2.72 1.28
CA LYS B 101 14.27 -2.89 2.34
C LYS B 101 14.10 -4.39 2.70
N ALA B 102 13.93 -5.23 1.68
CA ALA B 102 13.83 -6.67 1.91
C ALA B 102 15.05 -7.27 2.62
N PHE B 103 16.25 -6.89 2.24
CA PHE B 103 17.44 -7.39 2.91
C PHE B 103 17.56 -6.88 4.37
N ASP B 104 17.08 -5.68 4.62
CA ASP B 104 17.09 -5.11 5.97
C ASP B 104 16.05 -5.81 6.84
N VAL B 105 14.91 -6.15 6.25
CA VAL B 105 13.92 -6.98 6.96
C VAL B 105 14.50 -8.34 7.29
N LEU B 106 15.24 -8.91 6.34
CA LEU B 106 15.80 -10.26 6.53
C LEU B 106 16.86 -10.25 7.65
N SER B 107 17.67 -9.17 7.69
CA SER B 107 18.82 -9.17 8.64
C SER B 107 18.41 -8.69 10.03
N ASP B 108 17.16 -8.37 10.23
CA ASP B 108 16.64 -7.82 11.48
C ASP B 108 16.47 -8.84 12.60
N ASP B 109 17.57 -9.15 13.27
CA ASP B 109 17.64 -10.18 14.31
C ASP B 109 16.68 -9.95 15.48
N ASP B 110 16.24 -8.75 15.77
CA ASP B 110 15.28 -8.51 16.85
C ASP B 110 13.84 -8.65 16.42
N ALA B 111 13.54 -8.65 15.11
CA ALA B 111 12.13 -8.79 14.74
C ALA B 111 11.51 -10.13 15.08
N LEU B 112 10.21 -10.06 15.34
CA LEU B 112 9.33 -11.21 15.47
C LEU B 112 9.29 -11.88 14.08
N PRO B 113 8.61 -13.02 13.98
CA PRO B 113 8.60 -13.75 12.71
C PRO B 113 7.94 -12.90 11.64
N LEU B 114 8.49 -13.03 10.44
CA LEU B 114 8.01 -12.28 9.29
C LEU B 114 6.67 -12.85 8.87
N ASN B 115 5.66 -11.98 8.86
CA ASN B 115 4.36 -12.32 8.30
C ASN B 115 4.20 -11.80 6.88
N SER B 116 4.17 -10.50 6.66
CA SER B 116 3.90 -9.87 5.38
C SER B 116 5.05 -8.92 5.08
N LEU B 117 5.74 -9.20 3.97
CA LEU B 117 6.87 -8.28 3.67
C LEU B 117 6.33 -6.90 3.30
N LEU B 118 5.26 -6.82 2.51
CA LEU B 118 4.75 -5.46 2.25
C LEU B 118 4.32 -4.78 3.55
N ALA B 119 3.70 -5.45 4.51
CA ALA B 119 3.30 -4.85 5.78
C ALA B 119 4.53 -4.47 6.60
N ALA B 120 5.60 -5.31 6.62
CA ALA B 120 6.82 -4.97 7.31
C ALA B 120 7.49 -3.73 6.71
N ILE B 121 7.58 -3.60 5.38
CA ILE B 121 8.29 -2.47 4.83
C ILE B 121 7.41 -1.23 4.88
N SER B 122 6.17 -1.35 5.29
CA SER B 122 5.20 -0.27 5.29
C SER B 122 4.70 0.12 6.67
N ARG B 123 4.99 -0.67 7.69
CA ARG B 123 4.65 -0.38 9.07
C ARG B 123 5.20 0.99 9.53
N PHE B 124 6.47 1.27 9.33
CA PHE B 124 7.06 2.49 9.84
C PHE B 124 7.28 3.58 8.81
N SER B 125 6.94 3.44 7.55
CA SER B 125 7.20 4.47 6.56
C SER B 125 5.89 5.13 6.10
N LEU B 126 4.83 4.34 6.15
CA LEU B 126 3.55 4.76 5.62
C LEU B 126 3.07 5.87 6.58
N GLN B 127 2.90 7.08 6.12
CA GLN B 127 2.32 8.06 7.10
C GLN B 127 1.09 8.72 6.51
N THR B 128 0.24 9.33 7.38
CA THR B 128 -0.92 10.03 6.85
C THR B 128 -1.03 11.49 7.30
N SER B 129 -1.98 12.18 6.72
CA SER B 129 -2.21 13.60 7.00
C SER B 129 -3.20 13.63 8.16
N ALA B 130 -3.75 12.50 8.60
CA ALA B 130 -4.66 12.62 9.78
C ALA B 130 -3.79 12.97 11.00
N ARG B 131 -4.22 13.89 11.88
CA ARG B 131 -3.34 14.28 12.99
C ARG B 131 -3.39 13.24 14.11
N ASN B 132 -4.44 12.43 14.15
CA ASN B 132 -4.65 11.37 15.07
C ASN B 132 -4.45 10.06 14.26
N GLN B 133 -3.41 9.33 14.65
CA GLN B 133 -3.03 8.10 13.96
C GLN B 133 -2.55 7.08 14.98
N TRP B 134 -3.33 6.09 15.31
CA TRP B 134 -3.13 5.25 16.49
C TRP B 134 -3.11 3.78 16.03
N PHE B 135 -2.44 2.91 16.79
CA PHE B 135 -2.41 1.50 16.44
C PHE B 135 -3.35 0.78 17.38
N GLY B 136 -3.95 -0.29 16.91
CA GLY B 136 -4.83 -1.05 17.80
C GLY B 136 -4.98 -2.49 17.37
N THR B 137 -5.80 -3.22 18.12
CA THR B 137 -6.10 -4.59 17.75
C THR B 137 -7.59 -4.81 17.83
N ILE B 138 -8.18 -5.57 16.95
CA ILE B 138 -9.55 -6.03 16.98
C ILE B 138 -9.77 -6.95 18.19
N THR B 139 -10.51 -6.39 19.16
CA THR B 139 -10.91 -7.11 20.35
C THR B 139 -12.28 -7.72 20.05
N ALA B 140 -12.76 -8.56 20.95
CA ALA B 140 -14.00 -9.29 20.61
C ALA B 140 -15.23 -8.57 21.12
N GLN B 148 -23.60 -1.94 13.47
CA GLN B 148 -22.57 -2.66 12.69
C GLN B 148 -21.19 -2.03 12.82
N HIS B 149 -20.32 -2.70 13.56
CA HIS B 149 -19.03 -2.12 13.86
C HIS B 149 -18.10 -3.20 14.39
N VAL B 150 -16.89 -2.77 14.72
CA VAL B 150 -15.94 -3.63 15.38
C VAL B 150 -15.47 -2.83 16.58
N ASP B 151 -14.90 -3.48 17.56
CA ASP B 151 -14.27 -2.78 18.66
C ASP B 151 -12.77 -2.93 18.55
N VAL B 152 -12.03 -1.89 18.91
CA VAL B 152 -10.61 -1.84 18.79
C VAL B 152 -10.04 -1.47 20.17
N LEU B 153 -8.99 -2.19 20.55
CA LEU B 153 -8.29 -1.83 21.79
C LEU B 153 -7.01 -1.10 21.36
N LEU B 154 -6.74 0.08 21.91
CA LEU B 154 -5.56 0.81 21.51
C LEU B 154 -4.35 0.09 22.11
N ALA B 155 -3.16 0.54 21.75
CA ALA B 155 -1.91 -0.16 21.93
C ALA B 155 -1.34 -0.01 23.34
N ASP B 156 -1.68 1.12 23.97
CA ASP B 156 -1.31 1.27 25.39
C ASP B 156 -2.23 0.46 26.28
N GLY B 157 -3.03 -0.45 25.72
CA GLY B 157 -3.77 -1.48 26.35
C GLY B 157 -5.08 -1.29 27.05
N LYS B 158 -5.50 -0.05 27.29
CA LYS B 158 -6.78 0.13 28.00
C LYS B 158 -7.90 0.72 27.18
N THR B 159 -7.66 1.79 26.45
CA THR B 159 -8.61 2.47 25.59
C THR B 159 -9.36 1.60 24.59
N ARG B 160 -10.68 1.55 24.63
CA ARG B 160 -11.40 0.83 23.57
C ARG B 160 -12.09 1.84 22.63
N LEU B 161 -12.20 1.53 21.32
CA LEU B 161 -13.03 2.32 20.44
C LEU B 161 -14.04 1.45 19.73
N LYS B 162 -15.09 2.08 19.24
CA LYS B 162 -16.04 1.42 18.39
C LYS B 162 -15.87 2.07 17.02
N VAL B 163 -15.84 1.28 15.94
CA VAL B 163 -15.55 1.77 14.60
C VAL B 163 -16.65 1.28 13.71
N ALA B 164 -17.43 2.18 13.10
CA ALA B 164 -18.51 1.66 12.24
C ALA B 164 -17.88 1.04 10.98
N ILE B 165 -18.33 -0.15 10.59
CA ILE B 165 -17.86 -0.83 9.39
C ILE B 165 -18.70 -2.07 9.10
N THR B 166 -19.07 -2.25 7.84
CA THR B 166 -19.87 -3.46 7.53
C THR B 166 -19.12 -4.74 7.82
N ALA B 167 -19.85 -5.85 7.92
CA ALA B 167 -19.27 -7.20 8.05
C ALA B 167 -18.36 -7.48 6.86
N GLN B 168 -18.76 -7.01 5.70
CA GLN B 168 -18.03 -7.26 4.47
C GLN B 168 -16.76 -6.43 4.31
N SER B 169 -16.75 -5.19 4.87
CA SER B 169 -15.50 -4.42 4.70
C SER B 169 -14.55 -5.02 5.73
N GLY B 170 -15.13 -5.40 6.86
CA GLY B 170 -14.41 -6.09 7.92
C GLY B 170 -13.73 -7.34 7.33
N ALA B 171 -14.44 -8.05 6.46
CA ALA B 171 -13.89 -9.25 5.83
C ALA B 171 -12.75 -8.86 4.87
N ARG B 172 -12.96 -7.79 4.10
CA ARG B 172 -11.92 -7.33 3.20
C ARG B 172 -10.69 -6.78 3.89
N LEU B 173 -10.83 -6.27 5.11
CA LEU B 173 -9.66 -5.81 5.86
C LEU B 173 -9.04 -6.95 6.66
N GLY B 174 -9.73 -8.09 6.78
CA GLY B 174 -9.16 -9.23 7.54
C GLY B 174 -9.32 -9.04 9.01
N LEU B 175 -10.47 -8.46 9.42
CA LEU B 175 -10.69 -8.09 10.81
C LEU B 175 -10.95 -9.26 11.74
N ASP B 176 -9.88 -9.97 12.13
CA ASP B 176 -10.03 -11.02 13.14
C ASP B 176 -9.53 -10.58 14.51
N GLU B 177 -10.08 -11.28 15.52
CA GLU B 177 -9.64 -11.08 16.90
C GLU B 177 -8.12 -10.95 16.84
N GLY B 178 -7.58 -9.88 17.38
CA GLY B 178 -6.15 -9.68 17.36
C GLY B 178 -5.57 -9.03 16.13
N LYS B 179 -6.21 -8.92 14.97
CA LYS B 179 -5.55 -8.18 13.88
C LYS B 179 -5.15 -6.75 14.22
N GLU B 180 -3.89 -6.44 14.01
CA GLU B 180 -3.37 -5.09 14.14
C GLU B 180 -4.10 -4.18 13.15
N VAL B 181 -4.49 -3.01 13.62
CA VAL B 181 -5.17 -2.03 12.77
C VAL B 181 -4.51 -0.68 12.91
N LEU B 182 -4.63 0.18 11.91
CA LEU B 182 -4.23 1.60 12.00
C LEU B 182 -5.55 2.36 12.13
N ILE B 183 -5.65 3.28 13.11
CA ILE B 183 -6.88 4.07 13.26
C ILE B 183 -6.62 5.54 12.98
N LEU B 184 -7.38 6.17 12.08
CA LEU B 184 -7.20 7.48 11.53
C LEU B 184 -8.42 8.39 11.86
N LEU B 185 -8.10 9.57 12.36
CA LEU B 185 -9.17 10.49 12.81
C LEU B 185 -8.70 11.94 12.72
N LYS B 186 -9.25 12.65 11.72
CA LYS B 186 -8.90 14.03 11.52
C LYS B 186 -9.30 14.74 12.84
N ALA B 187 -8.50 15.68 13.24
CA ALA B 187 -8.72 16.65 14.28
C ALA B 187 -10.08 17.35 14.22
N PRO B 188 -10.63 17.78 13.12
CA PRO B 188 -11.89 18.50 13.07
C PRO B 188 -13.05 17.51 13.13
N TRP B 189 -12.85 16.22 13.28
CA TRP B 189 -13.91 15.26 13.43
C TRP B 189 -14.09 14.94 14.92
N VAL B 190 -13.21 15.58 15.72
CA VAL B 190 -13.25 15.35 17.15
C VAL B 190 -13.92 16.53 17.87
N GLY B 191 -14.89 16.17 18.69
CA GLY B 191 -15.60 17.06 19.57
C GLY B 191 -14.86 17.06 20.94
N ILE B 192 -14.92 18.21 21.61
CA ILE B 192 -14.31 18.40 22.89
C ILE B 192 -15.41 18.85 23.86
N THR B 193 -15.67 18.15 24.97
CA THR B 193 -16.74 18.68 25.86
C THR B 193 -16.31 18.56 27.33
N GLN B 194 -16.78 19.51 28.15
CA GLN B 194 -16.51 19.47 29.60
C GLN B 194 -17.74 18.95 30.32
N ASP B 195 -18.75 18.62 29.56
CA ASP B 195 -20.04 18.14 30.06
C ASP B 195 -20.20 16.65 29.83
N GLU B 196 -20.20 15.94 30.96
CA GLU B 196 -20.42 14.50 30.92
C GLU B 196 -21.74 14.09 30.30
N ALA B 197 -22.76 14.95 30.39
CA ALA B 197 -24.03 14.68 29.73
C ALA B 197 -23.86 14.79 28.23
N VAL B 198 -23.00 15.64 27.68
CA VAL B 198 -22.81 15.59 26.21
C VAL B 198 -22.04 14.37 25.75
N ALA B 199 -20.94 14.15 26.48
CA ALA B 199 -20.01 13.06 26.16
C ALA B 199 -20.67 11.71 26.23
N GLN B 200 -21.52 11.52 27.25
CA GLN B 200 -22.08 10.18 27.47
C GLN B 200 -22.95 9.69 26.33
N ASN B 201 -23.47 10.59 25.48
CA ASN B 201 -24.32 10.19 24.36
C ASN B 201 -23.49 10.01 23.08
N ALA B 202 -22.18 10.20 23.18
CA ALA B 202 -21.34 9.94 21.99
C ALA B 202 -21.01 8.46 21.83
N ASP B 203 -20.67 8.03 20.62
CA ASP B 203 -20.19 6.66 20.35
C ASP B 203 -18.88 6.43 21.07
N ASN B 204 -17.92 7.38 20.96
CA ASN B 204 -16.59 7.17 21.52
C ASN B 204 -16.31 8.34 22.44
N GLN B 205 -15.71 8.04 23.57
CA GLN B 205 -15.41 9.05 24.57
C GLN B 205 -13.98 8.83 25.05
N LEU B 206 -13.10 9.80 25.00
CA LEU B 206 -11.74 9.67 25.47
C LEU B 206 -11.44 10.81 26.45
N PRO B 207 -11.51 10.56 27.75
CA PRO B 207 -11.22 11.57 28.78
C PRO B 207 -9.76 11.91 28.66
N GLY B 208 -9.31 13.10 29.00
CA GLY B 208 -7.90 13.44 28.97
C GLY B 208 -7.78 14.82 29.57
N ILE B 209 -6.56 15.32 29.68
CA ILE B 209 -6.30 16.65 30.14
C ILE B 209 -5.87 17.55 29.00
N ILE B 210 -6.44 18.76 28.86
CA ILE B 210 -5.96 19.72 27.88
C ILE B 210 -4.55 20.15 28.22
N SER B 211 -3.62 20.01 27.24
CA SER B 211 -2.23 20.31 27.47
C SER B 211 -1.85 21.51 26.64
N HIS B 212 -2.70 21.95 25.70
CA HIS B 212 -2.38 23.11 24.89
C HIS B 212 -3.65 23.52 24.14
N ILE B 213 -3.93 24.80 24.08
CA ILE B 213 -5.07 25.32 23.37
C ILE B 213 -4.48 26.47 22.54
N GLU B 214 -4.83 26.63 21.29
CA GLU B 214 -4.29 27.65 20.40
C GLU B 214 -5.49 28.33 19.76
N ARG B 215 -5.84 29.57 20.12
CA ARG B 215 -7.13 30.09 19.63
C ARG B 215 -6.94 30.91 18.36
N GLY B 216 -7.60 30.64 17.25
CA GLY B 216 -7.44 31.44 15.99
C GLY B 216 -8.73 32.21 15.80
N ALA B 217 -9.00 32.87 14.67
CA ALA B 217 -10.22 33.62 14.50
C ALA B 217 -11.48 32.79 14.23
N GLU B 218 -11.33 31.58 13.71
CA GLU B 218 -12.52 30.72 13.54
C GLU B 218 -12.40 29.37 14.23
N GLN B 219 -11.20 28.87 14.43
CA GLN B 219 -10.90 27.55 14.95
C GLN B 219 -10.01 27.65 16.20
N CYS B 220 -10.05 26.57 16.94
CA CYS B 220 -9.20 26.46 18.13
C CYS B 220 -8.59 25.05 18.08
N GLU B 221 -7.26 24.97 18.10
CA GLU B 221 -6.66 23.62 18.16
C GLU B 221 -6.58 23.23 19.64
N VAL B 222 -7.12 22.07 19.97
CA VAL B 222 -6.93 21.51 21.29
C VAL B 222 -5.97 20.34 21.25
N LEU B 223 -4.96 20.28 22.13
CA LEU B 223 -4.23 19.02 22.25
C LEU B 223 -4.54 18.50 23.63
N MET B 224 -4.80 17.23 23.77
CA MET B 224 -5.13 16.60 25.04
C MET B 224 -4.16 15.44 25.32
N ALA B 225 -3.66 15.33 26.55
CA ALA B 225 -2.80 14.25 26.97
C ALA B 225 -3.71 13.06 27.33
N LEU B 226 -3.72 11.99 26.58
CA LEU B 226 -4.59 10.88 27.05
C LEU B 226 -3.93 10.26 28.27
N PRO B 227 -4.68 9.74 29.23
CA PRO B 227 -4.17 9.12 30.42
C PRO B 227 -3.01 8.17 30.21
N ASP B 228 -3.03 7.48 29.08
CA ASP B 228 -2.02 6.50 28.75
C ASP B 228 -0.95 6.93 27.77
N GLY B 229 -0.56 8.21 27.69
CA GLY B 229 0.57 8.58 26.88
C GLY B 229 0.52 9.33 25.59
N GLN B 230 -0.28 8.95 24.58
CA GLN B 230 -0.30 9.72 23.32
C GLN B 230 -1.02 11.07 23.45
N THR B 231 -0.90 11.93 22.45
CA THR B 231 -1.58 13.20 22.51
C THR B 231 -2.68 13.28 21.44
N LEU B 232 -3.92 13.58 21.82
CA LEU B 232 -5.02 13.68 20.88
C LEU B 232 -5.11 15.08 20.40
N CYS B 233 -5.40 15.26 19.12
CA CYS B 233 -5.56 16.59 18.54
C CYS B 233 -7.00 16.77 18.11
N ALA B 234 -7.67 17.84 18.50
CA ALA B 234 -8.99 18.21 18.06
C ALA B 234 -8.95 19.67 17.55
N THR B 235 -9.80 19.97 16.62
CA THR B 235 -9.92 21.32 16.03
C THR B 235 -11.38 21.68 16.09
N VAL B 236 -11.63 22.65 16.96
CA VAL B 236 -13.08 22.97 17.23
C VAL B 236 -13.38 24.41 16.86
N PRO B 237 -14.59 24.78 16.52
CA PRO B 237 -15.02 26.18 16.40
C PRO B 237 -14.67 27.00 17.61
N VAL B 238 -14.09 28.19 17.48
CA VAL B 238 -13.64 28.97 18.60
C VAL B 238 -14.74 29.24 19.62
N ASN B 239 -15.94 29.52 19.15
CA ASN B 239 -16.99 29.87 20.14
C ASN B 239 -17.36 28.72 21.03
N GLU B 240 -16.96 27.50 20.63
CA GLU B 240 -17.21 26.36 21.49
C GLU B 240 -16.07 26.12 22.45
N ALA B 241 -15.02 26.95 22.44
CA ALA B 241 -13.80 26.64 23.18
C ALA B 241 -13.53 27.70 24.21
N THR B 242 -14.50 28.60 24.32
CA THR B 242 -14.39 29.81 25.10
C THR B 242 -14.09 29.56 26.57
N SER B 243 -14.73 28.61 27.19
CA SER B 243 -14.54 28.34 28.62
C SER B 243 -13.42 27.38 28.94
N LEU B 244 -12.85 26.76 27.90
CA LEU B 244 -11.79 25.79 28.10
C LEU B 244 -10.43 26.30 28.55
N GLN B 245 -9.76 25.54 29.41
CA GLN B 245 -8.49 25.98 29.95
C GLN B 245 -7.43 24.86 29.88
N GLN B 246 -6.20 25.22 29.62
CA GLN B 246 -5.11 24.24 29.69
C GLN B 246 -5.08 23.71 31.11
N GLY B 247 -4.98 22.40 31.35
CA GLY B 247 -4.89 21.90 32.74
C GLY B 247 -6.16 21.14 33.08
N GLN B 248 -7.16 21.53 32.31
CA GLN B 248 -8.51 21.03 32.58
C GLN B 248 -8.68 19.64 32.01
N ASN B 249 -9.46 18.86 32.75
CA ASN B 249 -9.77 17.51 32.28
C ASN B 249 -10.98 17.60 31.40
N VAL B 250 -11.02 17.16 30.15
CA VAL B 250 -12.22 17.19 29.34
C VAL B 250 -12.49 15.81 28.71
N THR B 251 -13.50 15.69 27.86
CA THR B 251 -13.73 14.48 27.09
C THR B 251 -13.86 14.68 25.59
N ALA B 252 -12.95 14.02 24.85
CA ALA B 252 -12.99 14.05 23.37
C ALA B 252 -13.98 12.99 22.95
N TYR B 253 -14.80 13.36 21.95
CA TYR B 253 -15.88 12.48 21.53
C TYR B 253 -16.06 12.55 20.01
N PHE B 254 -16.47 11.39 19.47
CA PHE B 254 -16.53 11.22 18.02
C PHE B 254 -17.45 10.06 17.70
N ASN B 255 -18.09 10.13 16.57
CA ASN B 255 -18.94 9.06 16.07
C ASN B 255 -18.12 7.82 15.67
N ALA B 256 -18.75 6.64 15.74
CA ALA B 256 -18.08 5.43 15.34
C ALA B 256 -17.76 5.53 13.84
N ASP B 257 -18.64 6.17 13.07
CA ASP B 257 -18.45 6.30 11.64
C ASP B 257 -17.57 7.49 11.24
N SER B 258 -16.89 8.20 12.15
CA SER B 258 -15.89 9.17 11.77
C SER B 258 -14.52 8.52 11.58
N VAL B 259 -14.28 7.36 12.20
CA VAL B 259 -12.95 6.77 12.18
C VAL B 259 -12.68 6.01 10.91
N ILE B 260 -11.51 6.13 10.28
CA ILE B 260 -11.11 5.25 9.18
C ILE B 260 -10.18 4.19 9.79
N ILE B 261 -10.37 2.93 9.47
CA ILE B 261 -9.48 1.89 10.01
C ILE B 261 -8.74 1.23 8.82
N ALA B 262 -7.45 0.99 8.95
CA ALA B 262 -6.71 0.35 7.89
C ALA B 262 -5.95 -0.90 8.44
N THR B 263 -5.73 -1.82 7.49
CA THR B 263 -4.90 -2.97 7.78
C THR B 263 -3.90 -3.12 6.61
N LEU B 264 -2.72 -3.66 6.89
CA LEU B 264 -1.86 -4.17 5.83
C LEU B 264 -1.76 -5.70 5.91
N CYS B 265 -1.98 -6.47 4.87
CA CYS B 265 -1.88 -7.89 4.78
C CYS B 265 -0.63 -8.31 3.98
NI NI C . -4.80 24.21 -5.58
#